data_4JOS
#
_entry.id   4JOS
#
_cell.length_a   55.747
_cell.length_b   74.937
_cell.length_c   114.542
_cell.angle_alpha   90.000
_cell.angle_beta   90.000
_cell.angle_gamma   90.000
#
_symmetry.space_group_name_H-M   'P 21 21 21'
#
loop_
_entity.id
_entity.type
_entity.pdbx_description
1 polymer 'Adenosylhomocysteine nucleosidase'
2 non-polymer ADENINE
3 non-polymer 1,2-ETHANEDIOL
4 non-polymer 'SODIUM ION'
5 water water
#
_entity_poly.entity_id   1
_entity_poly.type   'polypeptide(L)'
_entity_poly.pdbx_seq_one_letter_code
;(MSE)HHHHHHSSGVDLGTENLYFQS(MSE)KKIAILGA(MSE)EIEIQPILQKLEKYETVEYANNKYYVANYNGIELVV
AYSKIGKVFSSLTATI(MSE)IEHFGVDALLFTGVAGGLQDLQVGD(MSE)IAATATVQHDVDITAFGYPYGKIPISEVE
IATSARILEQAKVIAKELNLNLHTGVIATGDQFVHSAERKDFVVKEFDAKAIE(MSE)EGASVNLICNE(MSE)NIPSFI
LRSISDTADGDAPDNFDEFAK(MSE)AANRSADFV(MSE)KLVDRI
;
_entity_poly.pdbx_strand_id   A,B
#
loop_
_chem_comp.id
_chem_comp.type
_chem_comp.name
_chem_comp.formula
ADE non-polymer ADENINE 'C5 H5 N5'
EDO non-polymer 1,2-ETHANEDIOL 'C2 H6 O2'
NA non-polymer 'SODIUM ION' 'Na 1'
#
# COMPACT_ATOMS: atom_id res chain seq x y z
N MSE A 23 -13.38 -22.59 4.60
CA MSE A 23 -11.94 -22.19 4.53
C MSE A 23 -11.06 -23.33 4.11
O MSE A 23 -10.39 -23.95 4.93
CB MSE A 23 -11.42 -21.69 5.86
CG MSE A 23 -11.82 -20.26 6.16
SE MSE A 23 -10.85 -19.90 7.81
CE MSE A 23 -12.07 -20.81 9.08
N LYS A 24 -11.03 -23.59 2.81
CA LYS A 24 -10.24 -24.68 2.29
C LYS A 24 -8.94 -24.18 1.65
N LYS A 25 -8.80 -22.84 1.51
CA LYS A 25 -7.59 -22.26 0.95
CA LYS A 25 -7.58 -22.28 0.98
C LYS A 25 -7.20 -21.14 1.89
N ILE A 26 -5.98 -21.21 2.44
CA ILE A 26 -5.53 -20.23 3.45
C ILE A 26 -4.19 -19.66 3.02
N ALA A 27 -4.08 -18.33 3.07
CA ALA A 27 -2.79 -17.63 2.86
C ALA A 27 -2.02 -17.54 4.17
N ILE A 28 -0.72 -17.86 4.11
CA ILE A 28 0.20 -17.58 5.20
CA ILE A 28 0.20 -17.57 5.21
C ILE A 28 1.20 -16.57 4.67
N LEU A 29 1.17 -15.38 5.25
CA LEU A 29 1.96 -14.26 4.73
C LEU A 29 2.94 -13.74 5.77
N GLY A 30 4.19 -13.59 5.36
CA GLY A 30 5.15 -12.79 6.13
C GLY A 30 5.69 -11.64 5.29
N ALA A 31 6.55 -10.82 5.87
CA ALA A 31 7.18 -9.74 5.11
C ALA A 31 8.59 -10.08 4.64
N MSE A 32 9.32 -10.85 5.43
CA MSE A 32 10.70 -11.20 5.16
C MSE A 32 10.87 -12.68 5.01
O MSE A 32 10.09 -13.49 5.53
CB MSE A 32 11.53 -10.81 6.37
CG MSE A 32 11.57 -9.30 6.53
SE MSE A 32 12.68 -8.73 8.04
CE MSE A 32 11.68 -9.53 9.47
N GLU A 33 11.91 -13.08 4.32
CA GLU A 33 12.18 -14.48 4.11
C GLU A 33 12.29 -15.23 5.44
N ILE A 34 12.93 -14.63 6.45
CA ILE A 34 13.04 -15.34 7.73
C ILE A 34 11.69 -15.64 8.39
N GLU A 35 10.65 -14.89 8.03
CA GLU A 35 9.32 -15.08 8.63
C GLU A 35 8.56 -16.25 8.00
N ILE A 36 8.91 -16.64 6.79
CA ILE A 36 8.24 -17.80 6.17
C ILE A 36 9.13 -19.03 6.03
N GLN A 37 10.45 -18.88 6.16
CA GLN A 37 11.32 -20.05 6.08
CA GLN A 37 11.32 -20.06 6.07
C GLN A 37 10.88 -21.18 7.02
N PRO A 38 10.49 -20.85 8.27
CA PRO A 38 10.05 -21.97 9.12
C PRO A 38 8.76 -22.62 8.65
N ILE A 39 7.91 -21.86 7.97
CA ILE A 39 6.70 -22.43 7.43
C ILE A 39 7.06 -23.44 6.34
N LEU A 40 7.90 -23.03 5.38
CA LEU A 40 8.31 -23.91 4.30
C LEU A 40 9.04 -25.14 4.83
N GLN A 41 9.86 -24.96 5.85
CA GLN A 41 10.60 -26.09 6.46
CA GLN A 41 10.59 -26.08 6.45
C GLN A 41 9.63 -27.12 6.99
N LYS A 42 8.53 -26.69 7.58
CA LYS A 42 7.53 -27.60 8.11
CA LYS A 42 7.51 -27.60 8.11
C LYS A 42 6.80 -28.34 6.99
N LEU A 43 6.55 -27.65 5.89
CA LEU A 43 5.87 -28.26 4.76
C LEU A 43 6.74 -29.28 4.03
N GLU A 44 8.01 -28.96 3.89
CA GLU A 44 9.03 -29.82 3.30
C GLU A 44 8.95 -29.81 1.78
N LYS A 45 7.76 -30.12 1.24
CA LYS A 45 7.56 -30.10 -0.20
CA LYS A 45 7.49 -30.19 -0.19
C LYS A 45 6.40 -29.18 -0.58
N TYR A 46 6.60 -28.45 -1.65
CA TYR A 46 5.62 -27.46 -2.09
C TYR A 46 5.92 -27.07 -3.51
N GLU A 47 4.94 -26.48 -4.19
CA GLU A 47 5.14 -25.98 -5.54
C GLU A 47 5.52 -24.50 -5.44
N THR A 48 6.29 -24.00 -6.41
CA THR A 48 6.63 -22.60 -6.49
C THR A 48 6.01 -21.97 -7.74
N VAL A 49 5.26 -20.89 -7.52
CA VAL A 49 4.58 -20.12 -8.57
C VAL A 49 5.20 -18.72 -8.59
N GLU A 50 5.69 -18.30 -9.73
CA GLU A 50 6.21 -16.95 -9.91
C GLU A 50 5.08 -16.05 -10.37
N TYR A 51 4.82 -14.98 -9.64
CA TYR A 51 3.80 -14.02 -10.00
C TYR A 51 4.03 -12.70 -9.32
N ALA A 52 3.66 -11.58 -9.98
CA ALA A 52 3.73 -10.27 -9.34
C ALA A 52 5.11 -10.00 -8.75
N ASN A 53 6.15 -10.40 -9.49
CA ASN A 53 7.55 -10.21 -9.13
C ASN A 53 7.88 -10.80 -7.77
N ASN A 54 7.24 -11.92 -7.48
CA ASN A 54 7.41 -12.60 -6.20
C ASN A 54 7.26 -14.10 -6.41
N LYS A 55 7.49 -14.87 -5.36
CA LYS A 55 7.24 -16.31 -5.38
C LYS A 55 6.15 -16.67 -4.38
N TYR A 56 5.24 -17.53 -4.81
CA TYR A 56 4.16 -18.00 -3.98
C TYR A 56 4.28 -19.52 -3.89
N TYR A 57 4.24 -20.05 -2.68
CA TYR A 57 4.49 -21.46 -2.47
C TYR A 57 3.17 -22.12 -2.14
N VAL A 58 2.88 -23.20 -2.86
CA VAL A 58 1.58 -23.84 -2.75
C VAL A 58 1.71 -25.29 -2.31
N ALA A 59 0.90 -25.68 -1.34
CA ALA A 59 0.92 -27.04 -0.83
C ALA A 59 -0.42 -27.45 -0.27
N ASN A 60 -0.73 -28.74 -0.43
CA ASN A 60 -1.81 -29.35 0.28
C ASN A 60 -1.26 -29.84 1.60
N TYR A 61 -1.77 -29.26 2.67
CA TYR A 61 -1.21 -29.50 3.99
C TYR A 61 -2.30 -30.09 4.78
N ASN A 62 -2.16 -31.41 4.97
CA ASN A 62 -3.15 -32.19 5.70
CA ASN A 62 -3.14 -32.23 5.67
C ASN A 62 -4.57 -31.70 5.39
N GLY A 63 -4.91 -31.51 4.11
CA GLY A 63 -6.31 -31.11 3.76
C GLY A 63 -6.69 -29.68 3.37
N ILE A 64 -5.87 -28.69 3.70
CA ILE A 64 -6.19 -27.36 3.19
C ILE A 64 -5.09 -26.97 2.22
N GLU A 65 -5.44 -26.12 1.27
CA GLU A 65 -4.42 -25.61 0.34
CA GLU A 65 -4.50 -25.61 0.33
C GLU A 65 -3.88 -24.36 0.97
N LEU A 66 -2.59 -24.41 1.24
CA LEU A 66 -1.86 -23.25 1.74
C LEU A 66 -1.20 -22.55 0.59
N VAL A 67 -1.25 -21.22 0.63
CA VAL A 67 -0.51 -20.34 -0.27
C VAL A 67 0.37 -19.49 0.63
N VAL A 68 1.69 -19.62 0.47
CA VAL A 68 2.68 -19.02 1.39
C VAL A 68 3.57 -18.07 0.60
N ALA A 69 3.86 -16.89 1.18
CA ALA A 69 4.76 -15.95 0.52
C ALA A 69 5.30 -14.99 1.56
N TYR A 70 6.45 -14.37 1.28
CA TYR A 70 6.81 -13.14 1.97
C TYR A 70 6.67 -11.99 0.98
N SER A 71 6.13 -10.88 1.46
CA SER A 71 5.72 -9.77 0.60
C SER A 71 6.86 -8.88 0.11
N LYS A 72 7.93 -8.82 0.91
CA LYS A 72 8.91 -7.71 0.97
C LYS A 72 8.36 -6.66 1.94
N ILE A 73 9.26 -5.84 2.46
CA ILE A 73 8.94 -4.98 3.58
C ILE A 73 8.02 -3.82 3.22
N GLY A 74 7.12 -3.47 4.12
CA GLY A 74 6.40 -2.21 4.04
C GLY A 74 4.96 -2.30 3.54
N LYS A 75 4.31 -1.16 3.53
CA LYS A 75 2.87 -1.08 3.29
C LYS A 75 2.53 -1.42 1.86
N VAL A 76 3.25 -0.92 0.87
CA VAL A 76 2.90 -1.16 -0.53
C VAL A 76 3.10 -2.61 -0.91
N PHE A 77 4.25 -3.18 -0.61
CA PHE A 77 4.49 -4.57 -0.98
C PHE A 77 3.55 -5.52 -0.28
N SER A 78 3.27 -5.27 1.00
CA SER A 78 2.36 -6.16 1.72
C SER A 78 0.93 -6.00 1.20
N SER A 79 0.55 -4.80 0.79
CA SER A 79 -0.76 -4.58 0.16
C SER A 79 -0.88 -5.36 -1.12
N LEU A 80 0.10 -5.27 -1.97
CA LEU A 80 0.15 -6.02 -3.23
C LEU A 80 0.02 -7.50 -2.97
N THR A 81 0.88 -8.02 -2.11
CA THR A 81 0.93 -9.48 -1.91
C THR A 81 -0.37 -9.99 -1.33
N ALA A 82 -0.94 -9.32 -0.35
CA ALA A 82 -2.22 -9.72 0.20
C ALA A 82 -3.31 -9.68 -0.88
N THR A 83 -3.31 -8.64 -1.69
CA THR A 83 -4.32 -8.54 -2.75
C THR A 83 -4.20 -9.67 -3.75
N ILE A 84 -3.00 -10.00 -4.14
CA ILE A 84 -2.75 -11.10 -5.06
C ILE A 84 -3.17 -12.43 -4.45
N MSE A 85 -2.89 -12.66 -3.17
CA MSE A 85 -3.33 -13.89 -2.52
CA MSE A 85 -3.33 -13.86 -2.47
C MSE A 85 -4.82 -14.04 -2.57
O MSE A 85 -5.31 -15.13 -2.86
CB MSE A 85 -2.86 -13.94 -1.07
CB MSE A 85 -3.04 -13.72 -0.97
CG MSE A 85 -1.35 -14.18 -1.08
CG MSE A 85 -1.56 -13.85 -0.67
SE MSE A 85 -0.51 -13.88 0.67
SE MSE A 85 -1.08 -15.73 -0.90
CE MSE A 85 0.46 -15.55 0.88
CE MSE A 85 0.56 -15.79 0.18
N ILE A 86 -5.55 -12.97 -2.32
CA ILE A 86 -7.01 -13.01 -2.35
C ILE A 86 -7.55 -13.07 -3.78
N GLU A 87 -7.11 -12.19 -4.66
CA GLU A 87 -7.73 -12.07 -6.00
C GLU A 87 -7.24 -13.09 -6.97
N HIS A 88 -5.92 -13.33 -7.03
CA HIS A 88 -5.35 -14.28 -7.97
C HIS A 88 -5.43 -15.72 -7.46
N PHE A 89 -5.06 -15.94 -6.21
CA PHE A 89 -5.02 -17.30 -5.64
C PHE A 89 -6.32 -17.72 -4.97
N GLY A 90 -7.23 -16.79 -4.77
CA GLY A 90 -8.55 -17.14 -4.22
C GLY A 90 -8.60 -17.67 -2.80
N VAL A 91 -7.70 -17.20 -1.93
CA VAL A 91 -7.71 -17.66 -0.55
C VAL A 91 -8.99 -17.23 0.20
N ASP A 92 -9.38 -18.05 1.15
CA ASP A 92 -10.55 -17.82 1.97
C ASP A 92 -10.25 -17.07 3.24
N ALA A 93 -8.99 -17.07 3.66
CA ALA A 93 -8.58 -16.38 4.90
C ALA A 93 -7.10 -16.11 4.74
N LEU A 94 -6.60 -15.20 5.56
CA LEU A 94 -5.17 -14.82 5.53
C LEU A 94 -4.64 -14.68 6.94
N LEU A 95 -3.57 -15.42 7.19
CA LEU A 95 -2.87 -15.44 8.45
C LEU A 95 -1.50 -14.81 8.21
N PHE A 96 -1.28 -13.69 8.86
CA PHE A 96 0.01 -13.00 8.79
C PHE A 96 0.88 -13.43 9.97
N THR A 97 2.12 -13.81 9.68
CA THR A 97 3.09 -14.27 10.68
C THR A 97 4.39 -13.49 10.59
N GLY A 98 4.83 -12.89 11.69
CA GLY A 98 6.08 -12.13 11.65
C GLY A 98 6.51 -11.58 12.99
N VAL A 99 7.39 -10.58 12.89
CA VAL A 99 8.04 -10.00 14.06
C VAL A 99 7.67 -8.54 14.19
N ALA A 100 7.78 -7.99 15.40
CA ALA A 100 7.44 -6.60 15.63
C ALA A 100 8.18 -6.08 16.85
N GLY A 101 8.15 -4.76 16.96
CA GLY A 101 8.63 -4.09 18.16
C GLY A 101 7.52 -4.04 19.18
N GLY A 102 7.88 -4.28 20.44
CA GLY A 102 6.92 -4.21 21.52
C GLY A 102 6.75 -2.81 22.07
N LEU A 103 5.49 -2.49 22.40
CA LEU A 103 5.11 -1.28 23.08
C LEU A 103 4.48 -1.64 24.42
N GLN A 104 4.48 -0.67 25.33
CA GLN A 104 3.85 -0.82 26.64
C GLN A 104 4.40 -2.07 27.34
N ASP A 105 3.58 -3.04 27.66
CA ASP A 105 4.06 -4.25 28.38
C ASP A 105 4.58 -5.38 27.48
N LEU A 106 4.61 -5.16 26.18
CA LEU A 106 5.14 -6.18 25.29
C LEU A 106 6.67 -6.14 25.20
N GLN A 107 7.26 -7.31 25.44
CA GLN A 107 8.71 -7.46 25.56
C GLN A 107 9.20 -8.65 24.73
N VAL A 108 10.51 -8.71 24.47
CA VAL A 108 11.11 -9.88 23.83
C VAL A 108 10.68 -11.15 24.62
N GLY A 109 10.27 -12.21 23.90
CA GLY A 109 9.71 -13.39 24.49
C GLY A 109 8.20 -13.47 24.38
N ASP A 110 7.55 -12.33 24.08
CA ASP A 110 6.09 -12.28 24.01
C ASP A 110 5.63 -12.44 22.56
N MSE A 111 4.34 -12.73 22.43
CA MSE A 111 3.66 -12.90 21.14
C MSE A 111 2.29 -12.27 21.27
O MSE A 111 1.60 -12.42 22.30
CB MSE A 111 3.60 -14.39 20.82
CG MSE A 111 2.91 -14.70 19.50
SE MSE A 111 3.14 -16.59 19.07
CE MSE A 111 1.96 -17.13 20.39
N ILE A 112 1.88 -11.53 20.23
CA ILE A 112 0.63 -10.76 20.23
C ILE A 112 -0.15 -10.99 18.94
N ALA A 113 -1.46 -11.19 19.06
CA ALA A 113 -2.35 -11.15 17.91
C ALA A 113 -3.19 -9.89 17.96
N ALA A 114 -3.32 -9.21 16.83
CA ALA A 114 -4.02 -7.95 16.80
C ALA A 114 -5.53 -8.13 16.96
N THR A 115 -6.12 -7.26 17.80
CA THR A 115 -7.59 -7.08 17.81
C THR A 115 -8.01 -6.13 16.67
N ALA A 116 -7.07 -5.24 16.30
CA ALA A 116 -7.30 -4.21 15.31
C ALA A 116 -5.97 -3.64 14.94
N THR A 117 -5.92 -2.98 13.80
CA THR A 117 -4.71 -2.33 13.32
C THR A 117 -4.91 -0.86 13.04
N VAL A 118 -3.85 -0.09 13.15
CA VAL A 118 -3.82 1.31 12.78
C VAL A 118 -2.56 1.60 11.97
N GLN A 119 -2.63 2.61 11.12
CA GLN A 119 -1.46 3.14 10.44
C GLN A 119 -0.95 4.38 11.14
N HIS A 120 0.10 4.19 11.92
CA HIS A 120 0.59 5.26 12.79
C HIS A 120 1.23 6.41 12.07
N ASP A 121 1.62 6.24 10.79
CA ASP A 121 2.26 7.28 10.04
C ASP A 121 1.34 8.08 9.12
N VAL A 122 0.05 7.76 9.13
CA VAL A 122 -0.94 8.51 8.32
C VAL A 122 -1.21 9.85 8.99
N ASP A 123 -1.04 10.95 8.25
CA ASP A 123 -1.23 12.27 8.82
C ASP A 123 -1.90 13.22 7.80
N ILE A 124 -3.21 13.37 7.96
CA ILE A 124 -3.96 14.39 7.24
C ILE A 124 -4.57 15.33 8.28
N THR A 125 -3.81 15.55 9.36
CA THR A 125 -4.31 16.45 10.40
C THR A 125 -4.44 17.89 9.91
N ALA A 126 -3.78 18.24 8.81
CA ALA A 126 -3.93 19.60 8.25
C ALA A 126 -5.37 19.92 7.93
N PHE A 127 -6.17 18.90 7.63
CA PHE A 127 -7.59 19.08 7.30
C PHE A 127 -8.50 18.64 8.44
N GLY A 128 -7.95 18.49 9.63
CA GLY A 128 -8.76 18.22 10.83
C GLY A 128 -9.15 16.78 11.00
N TYR A 129 -8.47 15.87 10.31
CA TYR A 129 -8.65 14.45 10.59
C TYR A 129 -7.72 14.04 11.73
N PRO A 130 -8.12 13.07 12.55
CA PRO A 130 -7.18 12.58 13.55
C PRO A 130 -5.97 11.88 12.91
N TYR A 131 -4.87 11.79 13.63
CA TYR A 131 -3.76 10.95 13.22
C TYR A 131 -4.27 9.54 12.94
N GLY A 132 -3.76 8.96 11.86
CA GLY A 132 -4.16 7.63 11.45
C GLY A 132 -5.37 7.49 10.56
N LYS A 133 -6.11 8.57 10.37
CA LYS A 133 -7.38 8.51 9.66
C LYS A 133 -7.24 8.89 8.19
N ILE A 134 -7.68 7.99 7.33
CA ILE A 134 -7.90 8.27 5.92
C ILE A 134 -9.40 8.53 5.74
N PRO A 135 -9.73 9.63 5.04
CA PRO A 135 -11.17 9.88 4.82
C PRO A 135 -11.87 8.69 4.15
N ILE A 136 -13.10 8.39 4.55
CA ILE A 136 -13.91 7.28 4.04
C ILE A 136 -13.52 5.94 4.71
N SER A 137 -12.52 5.95 5.58
CA SER A 137 -12.14 4.77 6.31
C SER A 137 -12.16 5.10 7.80
N GLU A 138 -11.48 4.31 8.62
CA GLU A 138 -11.47 4.50 10.07
C GLU A 138 -10.06 4.35 10.59
N VAL A 139 -9.80 4.90 11.76
CA VAL A 139 -8.47 4.81 12.34
C VAL A 139 -8.14 3.34 12.66
N GLU A 140 -9.04 2.65 13.35
CA GLU A 140 -8.83 1.25 13.71
C GLU A 140 -9.60 0.34 12.77
N ILE A 141 -8.95 -0.70 12.25
CA ILE A 141 -9.60 -1.70 11.42
C ILE A 141 -9.52 -3.04 12.14
N ALA A 142 -10.67 -3.63 12.46
CA ALA A 142 -10.68 -4.88 13.19
C ALA A 142 -10.14 -6.06 12.39
N THR A 143 -9.50 -6.99 13.10
CA THR A 143 -9.20 -8.28 12.55
C THR A 143 -10.41 -9.23 12.76
N SER A 144 -10.32 -10.47 12.30
CA SER A 144 -11.39 -11.47 12.52
C SER A 144 -11.52 -11.85 13.98
N ALA A 145 -12.70 -11.57 14.57
CA ALA A 145 -12.96 -11.95 15.94
C ALA A 145 -12.99 -13.46 16.11
N ARG A 146 -13.55 -14.13 15.11
CA ARG A 146 -13.70 -15.57 15.15
CA ARG A 146 -13.71 -15.58 15.10
C ARG A 146 -12.34 -16.27 15.13
N ILE A 147 -11.44 -15.87 14.24
CA ILE A 147 -10.12 -16.48 14.24
C ILE A 147 -9.35 -16.15 15.52
N LEU A 148 -9.47 -14.90 15.96
CA LEU A 148 -8.77 -14.49 17.17
C LEU A 148 -9.23 -15.32 18.37
N GLU A 149 -10.54 -15.55 18.49
CA GLU A 149 -11.01 -16.32 19.63
CA GLU A 149 -11.08 -16.37 19.60
C GLU A 149 -10.50 -17.77 19.57
N GLN A 150 -10.42 -18.35 18.38
CA GLN A 150 -9.86 -19.70 18.22
CA GLN A 150 -9.87 -19.71 18.27
C GLN A 150 -8.40 -19.73 18.63
N ALA A 151 -7.67 -18.68 18.26
CA ALA A 151 -6.26 -18.60 18.59
C ALA A 151 -6.08 -18.53 20.10
N LYS A 152 -6.96 -17.81 20.78
CA LYS A 152 -6.88 -17.72 22.23
C LYS A 152 -7.12 -19.08 22.89
N VAL A 153 -8.09 -19.85 22.36
CA VAL A 153 -8.35 -21.20 22.90
C VAL A 153 -7.14 -22.10 22.74
N ILE A 154 -6.56 -22.08 21.56
CA ILE A 154 -5.38 -22.90 21.25
CA ILE A 154 -5.40 -22.89 21.24
C ILE A 154 -4.19 -22.50 22.12
N ALA A 155 -3.97 -21.20 22.29
CA ALA A 155 -2.88 -20.74 23.15
C ALA A 155 -2.98 -21.28 24.58
N LYS A 156 -4.19 -21.24 25.12
CA LYS A 156 -4.44 -21.77 26.47
C LYS A 156 -4.20 -23.28 26.51
N GLU A 157 -4.62 -24.00 25.48
CA GLU A 157 -4.37 -25.44 25.33
C GLU A 157 -2.87 -25.77 25.34
N LEU A 158 -2.07 -24.91 24.73
CA LEU A 158 -0.63 -25.11 24.57
C LEU A 158 0.16 -24.53 25.72
N ASN A 159 -0.55 -23.95 26.68
CA ASN A 159 0.07 -23.30 27.82
C ASN A 159 0.99 -22.16 27.41
N LEU A 160 0.55 -21.38 26.43
CA LEU A 160 1.32 -20.21 26.07
C LEU A 160 0.49 -18.96 26.24
N ASN A 161 1.19 -17.88 26.52
CA ASN A 161 0.58 -16.61 26.74
C ASN A 161 0.46 -15.95 25.36
N LEU A 162 -0.77 -15.61 24.98
CA LEU A 162 -1.04 -14.86 23.75
C LEU A 162 -1.58 -13.53 24.16
N HIS A 163 -0.80 -12.48 23.98
CA HIS A 163 -1.29 -11.12 24.18
C HIS A 163 -2.21 -10.75 23.02
N THR A 164 -3.09 -9.80 23.26
CA THR A 164 -3.91 -9.24 22.19
C THR A 164 -4.04 -7.76 22.38
N GLY A 165 -4.19 -7.02 21.29
CA GLY A 165 -4.29 -5.58 21.36
C GLY A 165 -4.12 -4.96 19.99
N VAL A 166 -4.09 -3.65 19.98
CA VAL A 166 -3.91 -2.88 18.73
C VAL A 166 -2.45 -2.97 18.28
N ILE A 167 -2.25 -3.29 17.00
CA ILE A 167 -0.92 -3.24 16.39
C ILE A 167 -0.88 -2.06 15.43
N ALA A 168 0.20 -1.29 15.54
CA ALA A 168 0.40 -0.14 14.74
C ALA A 168 1.41 -0.40 13.65
N THR A 169 1.19 0.20 12.50
CA THR A 169 2.02 -0.01 11.31
C THR A 169 2.41 1.30 10.67
N GLY A 170 3.66 1.39 10.24
CA GLY A 170 4.16 2.48 9.44
C GLY A 170 5.32 2.02 8.60
N ASP A 171 5.70 2.84 7.62
CA ASP A 171 6.81 2.53 6.72
C ASP A 171 8.17 2.98 7.26
N GLN A 172 8.32 2.92 8.57
CA GLN A 172 9.58 3.22 9.26
C GLN A 172 9.89 2.12 10.25
N PHE A 173 11.18 1.80 10.36
CA PHE A 173 11.67 0.99 11.46
C PHE A 173 11.87 1.91 12.65
N VAL A 174 11.07 1.74 13.70
CA VAL A 174 11.03 2.68 14.83
C VAL A 174 12.05 2.30 15.88
N HIS A 175 12.86 3.29 16.25
CA HIS A 175 13.98 3.10 17.18
C HIS A 175 14.22 4.34 17.99
N SER A 176 13.18 4.88 18.59
CA SER A 176 13.34 6.07 19.42
C SER A 176 12.21 6.11 20.42
N ALA A 177 12.51 6.51 21.65
CA ALA A 177 11.49 6.64 22.67
C ALA A 177 10.42 7.67 22.30
N GLU A 178 10.85 8.74 21.65
CA GLU A 178 9.94 9.81 21.25
CA GLU A 178 9.96 9.82 21.25
C GLU A 178 8.85 9.30 20.31
N ARG A 179 9.26 8.58 19.28
CA ARG A 179 8.26 8.04 18.35
C ARG A 179 7.39 6.98 19.04
N LYS A 180 8.00 6.11 19.84
CA LYS A 180 7.23 5.10 20.58
CA LYS A 180 7.27 5.10 20.54
C LYS A 180 6.18 5.74 21.44
N ASP A 181 6.58 6.78 22.17
CA ASP A 181 5.64 7.42 23.06
CA ASP A 181 5.69 7.50 23.06
C ASP A 181 4.46 8.06 22.32
N PHE A 182 4.72 8.63 21.14
CA PHE A 182 3.66 9.18 20.31
C PHE A 182 2.64 8.07 19.94
N VAL A 183 3.15 6.93 19.49
CA VAL A 183 2.28 5.88 19.02
C VAL A 183 1.47 5.31 20.17
N VAL A 184 2.11 5.11 21.31
CA VAL A 184 1.36 4.65 22.47
C VAL A 184 0.29 5.64 22.93
N LYS A 185 0.68 6.92 23.01
CA LYS A 185 -0.27 7.93 23.48
CA LYS A 185 -0.26 7.94 23.49
C LYS A 185 -1.43 8.14 22.51
N GLU A 186 -1.13 8.15 21.21
CA GLU A 186 -2.17 8.41 20.21
C GLU A 186 -3.09 7.24 19.95
N PHE A 187 -2.51 6.02 19.95
CA PHE A 187 -3.23 4.85 19.48
C PHE A 187 -3.42 3.73 20.51
N ASP A 188 -2.74 3.81 21.65
CA ASP A 188 -2.81 2.74 22.67
C ASP A 188 -2.36 1.38 22.09
N ALA A 189 -1.40 1.45 21.17
CA ALA A 189 -0.91 0.26 20.51
C ALA A 189 0.01 -0.52 21.44
N LYS A 190 0.07 -1.83 21.18
CA LYS A 190 0.91 -2.76 21.94
CA LYS A 190 0.88 -2.78 21.93
C LYS A 190 2.08 -3.31 21.12
N ALA A 191 2.09 -3.07 19.83
CA ALA A 191 3.22 -3.46 19.00
C ALA A 191 3.33 -2.55 17.80
N ILE A 192 4.48 -2.53 17.17
CA ILE A 192 4.79 -1.63 16.07
C ILE A 192 5.56 -2.39 14.97
N GLU A 193 5.14 -2.21 13.75
CA GLU A 193 5.67 -2.99 12.64
C GLU A 193 5.36 -2.30 11.31
N MSE A 194 5.63 -2.97 10.18
CA MSE A 194 5.62 -2.30 8.89
C MSE A 194 4.68 -2.91 7.85
O MSE A 194 4.70 -2.50 6.70
CB MSE A 194 7.04 -2.23 8.31
CG MSE A 194 7.98 -1.54 9.30
SE MSE A 194 9.83 -1.44 8.64
CE MSE A 194 9.54 -0.18 7.20
N GLU A 195 3.82 -3.84 8.26
CA GLU A 195 2.87 -4.51 7.32
C GLU A 195 1.50 -4.85 7.86
N GLY A 196 1.29 -4.95 9.15
CA GLY A 196 0.02 -5.49 9.67
C GLY A 196 -1.22 -4.75 9.23
N ALA A 197 -1.19 -3.44 9.37
CA ALA A 197 -2.35 -2.62 9.06
C ALA A 197 -2.68 -2.60 7.60
N SER A 198 -1.65 -2.65 6.75
CA SER A 198 -1.88 -2.67 5.30
C SER A 198 -2.53 -4.00 4.92
N VAL A 199 -1.95 -5.10 5.38
CA VAL A 199 -2.51 -6.41 5.10
C VAL A 199 -3.93 -6.50 5.64
N ASN A 200 -4.13 -6.07 6.87
CA ASN A 200 -5.46 -6.20 7.47
C ASN A 200 -6.49 -5.35 6.76
N LEU A 201 -6.10 -4.18 6.29
CA LEU A 201 -7.04 -3.31 5.57
C LEU A 201 -7.41 -3.94 4.22
N ILE A 202 -6.45 -4.50 3.49
CA ILE A 202 -6.77 -5.23 2.25
C ILE A 202 -7.82 -6.30 2.58
N CYS A 203 -7.59 -7.08 3.62
CA CYS A 203 -8.54 -8.13 3.95
C CYS A 203 -9.92 -7.55 4.26
N ASN A 204 -9.97 -6.44 4.98
CA ASN A 204 -11.24 -5.82 5.32
C ASN A 204 -11.97 -5.41 4.06
N GLU A 205 -11.27 -4.78 3.12
CA GLU A 205 -11.93 -4.24 1.93
C GLU A 205 -12.43 -5.38 1.03
N MSE A 206 -11.78 -6.53 1.12
CA MSE A 206 -12.16 -7.69 0.27
CA MSE A 206 -12.13 -7.71 0.29
C MSE A 206 -13.01 -8.70 1.02
O MSE A 206 -13.34 -9.76 0.48
CB MSE A 206 -10.90 -8.31 -0.32
CB MSE A 206 -10.87 -8.48 -0.12
CG MSE A 206 -10.22 -7.24 -1.19
CG MSE A 206 -9.85 -7.66 -0.91
SE MSE A 206 -8.92 -7.95 -2.48
SE MSE A 206 -10.61 -6.98 -2.60
CE MSE A 206 -10.09 -9.10 -3.56
CE MSE A 206 -10.48 -8.54 -3.79
N ASN A 207 -13.42 -8.37 2.25
CA ASN A 207 -14.25 -9.22 3.08
CA ASN A 207 -14.26 -9.24 3.07
C ASN A 207 -13.65 -10.61 3.30
N ILE A 208 -12.36 -10.64 3.61
CA ILE A 208 -11.60 -11.85 3.88
C ILE A 208 -11.18 -11.88 5.36
N PRO A 209 -11.52 -12.93 6.09
CA PRO A 209 -11.07 -13.01 7.49
C PRO A 209 -9.54 -12.96 7.63
N SER A 210 -9.09 -12.14 8.56
CA SER A 210 -7.65 -11.90 8.79
C SER A 210 -7.22 -12.24 10.21
N PHE A 211 -5.96 -12.59 10.35
CA PHE A 211 -5.29 -12.85 11.63
C PHE A 211 -3.90 -12.28 11.48
N ILE A 212 -3.53 -11.40 12.41
CA ILE A 212 -2.25 -10.71 12.37
C ILE A 212 -1.46 -11.07 13.63
N LEU A 213 -0.43 -11.89 13.43
CA LEU A 213 0.35 -12.40 14.56
C LEU A 213 1.77 -11.85 14.50
N ARG A 214 2.22 -11.32 15.64
CA ARG A 214 3.57 -10.80 15.72
C ARG A 214 4.26 -11.29 17.00
N SER A 215 5.50 -11.71 16.90
CA SER A 215 6.33 -12.03 18.05
C SER A 215 7.36 -10.91 18.19
N ILE A 216 7.63 -10.57 19.45
CA ILE A 216 8.39 -9.38 19.75
C ILE A 216 9.91 -9.63 19.65
N SER A 217 10.56 -8.81 18.84
CA SER A 217 12.00 -8.86 18.57
C SER A 217 12.84 -7.76 19.22
N ASP A 218 12.20 -6.73 19.75
CA ASP A 218 12.82 -5.50 20.27
C ASP A 218 11.73 -4.65 20.86
N THR A 219 12.10 -3.52 21.48
CA THR A 219 11.10 -2.65 22.11
C THR A 219 11.15 -1.26 21.48
N ALA A 220 11.56 -1.19 20.20
CA ALA A 220 11.34 0.00 19.35
C ALA A 220 11.95 1.28 19.89
N ASP A 221 13.00 1.11 20.68
CA ASP A 221 13.77 2.23 21.26
C ASP A 221 15.15 2.30 20.61
N GLY A 222 16.10 3.00 21.25
CA GLY A 222 17.40 3.16 20.62
C GLY A 222 18.20 1.88 20.46
N ASP A 223 17.85 0.86 21.26
CA ASP A 223 18.45 -0.45 21.17
C ASP A 223 17.77 -1.38 20.14
N ALA A 224 16.72 -0.89 19.49
CA ALA A 224 15.94 -1.79 18.64
C ALA A 224 16.72 -2.42 17.48
N PRO A 225 17.63 -1.68 16.83
CA PRO A 225 18.29 -2.34 15.72
C PRO A 225 19.16 -3.54 16.17
N ASP A 226 19.93 -3.35 17.24
CA ASP A 226 20.73 -4.47 17.75
C ASP A 226 19.85 -5.60 18.30
N ASN A 227 18.78 -5.25 19.01
CA ASN A 227 17.90 -6.26 19.56
C ASN A 227 17.24 -7.04 18.41
N PHE A 228 16.83 -6.34 17.36
CA PHE A 228 16.27 -7.01 16.20
C PHE A 228 17.25 -8.01 15.61
N ASP A 229 18.52 -7.60 15.47
CA ASP A 229 19.49 -8.50 14.92
C ASP A 229 19.63 -9.74 15.78
N GLU A 230 19.54 -9.57 17.10
CA GLU A 230 19.70 -10.70 18.04
C GLU A 230 18.46 -11.63 18.03
N PHE A 231 17.28 -11.04 17.97
CA PHE A 231 16.04 -11.75 18.33
C PHE A 231 15.09 -12.01 17.16
N ALA A 232 15.32 -11.41 16.00
CA ALA A 232 14.31 -11.53 14.92
C ALA A 232 14.08 -12.96 14.48
N LYS A 233 15.12 -13.78 14.34
CA LYS A 233 14.89 -15.15 13.89
CA LYS A 233 14.90 -15.16 13.90
C LYS A 233 14.13 -15.96 14.95
N MSE A 234 14.47 -15.75 16.21
CA MSE A 234 13.72 -16.40 17.30
C MSE A 234 12.27 -16.01 17.22
O MSE A 234 11.39 -16.84 17.34
CB MSE A 234 14.32 -15.98 18.65
CG MSE A 234 13.62 -16.54 19.87
SE MSE A 234 12.02 -15.53 20.41
CE MSE A 234 12.88 -13.89 20.99
N ALA A 235 11.99 -14.75 17.04
CA ALA A 235 10.63 -14.25 17.02
C ALA A 235 9.90 -14.79 15.78
N ALA A 236 10.58 -14.82 14.63
CA ALA A 236 9.98 -15.36 13.39
C ALA A 236 9.58 -16.82 13.62
N ASN A 237 10.43 -17.60 14.27
CA ASN A 237 10.12 -19.00 14.46
CA ASN A 237 10.19 -19.02 14.57
C ASN A 237 8.96 -19.16 15.46
N ARG A 238 8.90 -18.30 16.48
CA ARG A 238 7.81 -18.34 17.47
C ARG A 238 6.47 -18.11 16.78
N SER A 239 6.39 -17.09 15.94
CA SER A 239 5.15 -16.84 15.24
C SER A 239 4.77 -17.96 14.27
N ALA A 240 5.73 -18.43 13.53
CA ALA A 240 5.47 -19.46 12.51
C ALA A 240 5.00 -20.73 13.19
N ASP A 241 5.59 -21.06 14.33
CA ASP A 241 5.18 -22.26 15.06
C ASP A 241 3.72 -22.16 15.47
N PHE A 242 3.31 -21.04 16.04
CA PHE A 242 1.94 -20.88 16.48
C PHE A 242 0.97 -20.86 15.29
N VAL A 243 1.34 -20.20 14.20
CA VAL A 243 0.42 -20.12 13.06
CA VAL A 243 0.40 -20.09 13.08
C VAL A 243 0.14 -21.50 12.52
N MSE A 244 1.13 -22.37 12.52
CA MSE A 244 0.93 -23.75 12.02
C MSE A 244 0.11 -24.56 13.00
O MSE A 244 -0.67 -25.43 12.55
CB MSE A 244 2.25 -24.42 11.65
CG MSE A 244 2.88 -23.74 10.44
SE MSE A 244 1.79 -23.86 8.80
CE MSE A 244 1.59 -25.81 8.67
N LYS A 245 0.23 -24.30 14.31
CA LYS A 245 -0.69 -24.94 15.29
C LYS A 245 -2.13 -24.49 15.03
N LEU A 246 -2.32 -23.23 14.64
CA LEU A 246 -3.64 -22.68 14.34
C LEU A 246 -4.22 -23.33 13.07
N VAL A 247 -3.42 -23.44 12.03
CA VAL A 247 -3.80 -24.18 10.81
C VAL A 247 -4.19 -25.64 11.11
N ASP A 248 -3.43 -26.31 11.98
CA ASP A 248 -3.71 -27.70 12.37
C ASP A 248 -5.10 -27.84 13.01
N ARG A 249 -5.65 -26.76 13.56
CA ARG A 249 -6.94 -26.82 14.27
C ARG A 249 -8.06 -25.94 13.67
N ILE A 250 -7.74 -25.08 12.71
CA ILE A 250 -8.68 -24.04 12.26
C ILE A 250 -9.86 -24.62 11.48
N GLN B 21 -8.30 -10.14 -27.17
CA GLN B 21 -9.21 -8.96 -26.93
C GLN B 21 -8.92 -7.86 -27.96
N SER B 22 -9.96 -7.24 -28.51
CA SER B 22 -9.80 -6.30 -29.64
C SER B 22 -9.44 -4.88 -29.21
N MSE B 23 -9.93 -4.47 -28.04
CA MSE B 23 -9.66 -3.13 -27.53
C MSE B 23 -8.65 -3.16 -26.41
O MSE B 23 -8.69 -4.04 -25.54
CB MSE B 23 -10.91 -2.50 -26.91
CG MSE B 23 -11.96 -2.10 -27.96
SE MSE B 23 -13.36 -1.02 -27.05
CE MSE B 23 -14.33 -2.60 -26.44
N LYS B 24 -7.76 -2.19 -26.44
CA LYS B 24 -6.92 -1.95 -25.29
CA LYS B 24 -6.92 -1.89 -25.31
C LYS B 24 -7.86 -1.59 -24.14
N LYS B 25 -7.46 -2.01 -22.95
CA LYS B 25 -8.13 -1.65 -21.71
CA LYS B 25 -8.14 -1.64 -21.72
C LYS B 25 -7.17 -0.75 -20.95
N ILE B 26 -7.63 0.44 -20.57
CA ILE B 26 -6.78 1.40 -19.84
C ILE B 26 -7.49 1.80 -18.58
N ALA B 27 -6.74 1.73 -17.47
CA ALA B 27 -7.22 2.28 -16.20
C ALA B 27 -6.95 3.80 -16.12
N ILE B 28 -7.95 4.53 -15.63
CA ILE B 28 -7.78 5.93 -15.27
CA ILE B 28 -7.78 5.93 -15.27
C ILE B 28 -8.06 6.01 -13.78
N LEU B 29 -7.05 6.36 -13.00
CA LEU B 29 -7.11 6.29 -11.56
C LEU B 29 -6.84 7.64 -10.93
N GLY B 30 -7.73 8.07 -10.03
CA GLY B 30 -7.42 9.16 -9.10
C GLY B 30 -7.52 8.65 -7.68
N ALA B 31 -7.27 9.55 -6.74
CA ALA B 31 -7.35 9.22 -5.32
C ALA B 31 -8.67 9.67 -4.72
N MSE B 32 -9.18 10.79 -5.21
CA MSE B 32 -10.38 11.45 -4.65
C MSE B 32 -11.43 11.58 -5.73
O MSE B 32 -11.12 11.61 -6.94
CB MSE B 32 -10.11 12.87 -4.15
CG MSE B 32 -9.04 12.87 -3.09
SE MSE B 32 -8.61 14.70 -2.49
CE MSE B 32 -7.67 15.28 -4.08
N GLU B 33 -12.67 11.65 -5.30
CA GLU B 33 -13.81 11.81 -6.22
CA GLU B 33 -13.79 11.79 -6.26
C GLU B 33 -13.61 13.00 -7.17
N ILE B 34 -13.13 14.13 -6.64
CA ILE B 34 -12.94 15.30 -7.50
C ILE B 34 -11.96 15.05 -8.64
N GLU B 35 -11.05 14.08 -8.45
CA GLU B 35 -10.04 13.83 -9.47
C GLU B 35 -10.60 13.04 -10.64
N ILE B 36 -11.68 12.30 -10.43
CA ILE B 36 -12.25 11.51 -11.52
C ILE B 36 -13.61 12.00 -12.01
N GLN B 37 -14.25 12.88 -11.26
CA GLN B 37 -15.51 13.52 -11.69
CA GLN B 37 -15.54 13.39 -11.73
C GLN B 37 -15.44 14.04 -13.13
N PRO B 38 -14.34 14.78 -13.45
CA PRO B 38 -14.28 15.30 -14.83
C PRO B 38 -14.14 14.21 -15.88
N ILE B 39 -13.50 13.09 -15.52
CA ILE B 39 -13.40 11.95 -16.43
C ILE B 39 -14.80 11.40 -16.71
N LEU B 40 -15.58 11.15 -15.67
CA LEU B 40 -16.91 10.59 -15.81
C LEU B 40 -17.83 11.55 -16.58
N GLN B 41 -17.64 12.84 -16.39
CA GLN B 41 -18.43 13.86 -17.07
C GLN B 41 -18.21 13.80 -18.58
N LYS B 42 -16.99 13.44 -19.00
CA LYS B 42 -16.66 13.33 -20.43
CA LYS B 42 -16.64 13.31 -20.41
C LYS B 42 -17.22 12.04 -21.04
N LEU B 43 -17.47 11.03 -20.22
CA LEU B 43 -18.03 9.80 -20.75
C LEU B 43 -19.54 9.89 -20.85
N GLU B 44 -20.13 10.54 -19.85
CA GLU B 44 -21.59 10.66 -19.71
CA GLU B 44 -21.58 10.67 -19.66
C GLU B 44 -22.24 9.31 -19.39
N LYS B 45 -21.88 8.31 -20.18
CA LYS B 45 -22.46 6.97 -20.08
CA LYS B 45 -22.46 6.96 -20.07
C LYS B 45 -21.42 5.88 -19.71
N TYR B 46 -21.70 5.12 -18.66
CA TYR B 46 -20.79 4.08 -18.18
C TYR B 46 -21.49 3.10 -17.25
N GLU B 47 -20.92 1.91 -17.12
CA GLU B 47 -21.40 0.91 -16.19
CA GLU B 47 -21.38 0.88 -16.19
C GLU B 47 -20.68 1.09 -14.85
N THR B 48 -21.40 0.90 -13.75
CA THR B 48 -20.82 0.96 -12.40
C THR B 48 -20.69 -0.47 -11.86
N VAL B 49 -19.45 -0.87 -11.55
CA VAL B 49 -19.14 -2.17 -11.00
C VAL B 49 -18.69 -2.02 -9.52
N GLU B 50 -19.42 -2.65 -8.60
CA GLU B 50 -19.04 -2.64 -7.17
C GLU B 50 -18.07 -3.79 -6.92
N TYR B 51 -16.89 -3.45 -6.42
CA TYR B 51 -15.86 -4.46 -6.13
C TYR B 51 -14.85 -3.90 -5.16
N ALA B 52 -14.32 -4.74 -4.27
CA ALA B 52 -13.23 -4.32 -3.37
C ALA B 52 -13.59 -3.08 -2.60
N ASN B 53 -14.85 -3.01 -2.14
CA ASN B 53 -15.38 -1.91 -1.35
C ASN B 53 -15.22 -0.55 -2.04
N ASN B 54 -15.34 -0.58 -3.36
CA ASN B 54 -15.22 0.62 -4.18
C ASN B 54 -16.11 0.48 -5.41
N LYS B 55 -16.08 1.48 -6.26
CA LYS B 55 -16.85 1.50 -7.50
C LYS B 55 -15.88 1.71 -8.64
N TYR B 56 -16.02 0.89 -9.66
CA TYR B 56 -15.23 0.97 -10.86
C TYR B 56 -16.16 1.24 -12.03
N TYR B 57 -15.86 2.28 -12.78
CA TYR B 57 -16.70 2.76 -13.88
C TYR B 57 -16.11 2.33 -15.20
N VAL B 58 -16.91 1.65 -16.01
CA VAL B 58 -16.40 1.03 -17.23
C VAL B 58 -17.16 1.54 -18.44
N ALA B 59 -16.42 2.00 -19.45
CA ALA B 59 -17.01 2.59 -20.65
C ALA B 59 -16.10 2.42 -21.80
N ASN B 60 -16.66 2.41 -23.01
CA ASN B 60 -15.85 2.49 -24.20
C ASN B 60 -15.67 3.94 -24.59
N TYR B 61 -14.46 4.30 -24.96
CA TYR B 61 -14.14 5.68 -25.31
C TYR B 61 -13.05 5.66 -26.34
N ASN B 62 -13.27 6.26 -27.52
CA ASN B 62 -12.23 6.29 -28.58
C ASN B 62 -11.70 4.87 -28.93
N GLY B 63 -12.58 3.88 -28.90
CA GLY B 63 -12.21 2.50 -29.21
C GLY B 63 -11.39 1.78 -28.16
N ILE B 64 -11.35 2.34 -26.95
CA ILE B 64 -10.57 1.78 -25.83
C ILE B 64 -11.58 1.50 -24.71
N GLU B 65 -11.45 0.40 -23.98
CA GLU B 65 -12.26 0.22 -22.78
C GLU B 65 -11.55 0.90 -21.60
N LEU B 66 -12.21 1.90 -21.03
CA LEU B 66 -11.68 2.61 -19.84
C LEU B 66 -12.30 2.01 -18.59
N VAL B 67 -11.45 1.86 -17.57
CA VAL B 67 -11.87 1.45 -16.21
C VAL B 67 -11.42 2.57 -15.31
N VAL B 68 -12.38 3.26 -14.69
CA VAL B 68 -12.13 4.50 -13.98
C VAL B 68 -12.50 4.30 -12.53
N ALA B 69 -11.67 4.80 -11.61
CA ALA B 69 -12.00 4.73 -10.20
C ALA B 69 -11.24 5.80 -9.45
N TYR B 70 -11.73 6.15 -8.28
CA TYR B 70 -10.87 6.80 -7.27
C TYR B 70 -10.58 5.82 -6.17
N SER B 71 -9.33 5.80 -5.70
CA SER B 71 -8.89 4.73 -4.81
C SER B 71 -9.28 4.92 -3.34
N LYS B 72 -9.46 6.19 -2.97
CA LYS B 72 -9.36 6.72 -1.60
C LYS B 72 -7.90 7.07 -1.34
N ILE B 73 -7.65 7.95 -0.39
CA ILE B 73 -6.34 8.56 -0.25
C ILE B 73 -5.30 7.58 0.33
N GLY B 74 -4.07 7.73 -0.15
CA GLY B 74 -2.91 7.12 0.47
C GLY B 74 -2.40 5.88 -0.19
N LYS B 75 -1.32 5.37 0.39
CA LYS B 75 -0.56 4.32 -0.25
C LYS B 75 -1.25 3.00 -0.27
N VAL B 76 -1.93 2.62 0.80
CA VAL B 76 -2.59 1.32 0.85
C VAL B 76 -3.81 1.25 -0.07
N PHE B 77 -4.67 2.26 0.00
CA PHE B 77 -5.87 2.20 -0.86
C PHE B 77 -5.50 2.29 -2.32
N SER B 78 -4.49 3.12 -2.65
CA SER B 78 -4.08 3.26 -4.05
C SER B 78 -3.41 1.98 -4.56
N SER B 79 -2.65 1.30 -3.69
CA SER B 79 -2.06 0.02 -4.03
C SER B 79 -3.16 -1.02 -4.30
N LEU B 80 -4.17 -1.12 -3.43
CA LEU B 80 -5.30 -2.02 -3.63
C LEU B 80 -5.99 -1.74 -4.94
N THR B 81 -6.32 -0.49 -5.20
CA THR B 81 -7.13 -0.16 -6.38
C THR B 81 -6.35 -0.44 -7.65
N ALA B 82 -5.08 -0.04 -7.71
CA ALA B 82 -4.25 -0.36 -8.88
C ALA B 82 -4.14 -1.84 -9.09
N THR B 83 -3.95 -2.61 -8.03
CA THR B 83 -3.79 -4.05 -8.17
C THR B 83 -5.09 -4.67 -8.72
N ILE B 84 -6.24 -4.21 -8.21
CA ILE B 84 -7.55 -4.67 -8.67
C ILE B 84 -7.76 -4.32 -10.13
N MSE B 85 -7.37 -3.11 -10.54
CA MSE B 85 -7.50 -2.72 -11.94
CA MSE B 85 -7.45 -2.70 -11.94
C MSE B 85 -6.72 -3.65 -12.83
O MSE B 85 -7.21 -4.06 -13.88
CB MSE B 85 -7.09 -1.28 -12.17
CB MSE B 85 -6.82 -1.32 -12.12
CG MSE B 85 -8.14 -0.35 -11.56
CG MSE B 85 -7.62 -0.23 -11.43
SE MSE B 85 -7.45 1.48 -11.37
SE MSE B 85 -9.10 0.22 -12.62
CE MSE B 85 -8.92 2.46 -12.19
CE MSE B 85 -9.24 2.12 -12.11
N ILE B 86 -5.49 -4.01 -12.44
CA ILE B 86 -4.63 -4.90 -13.20
C ILE B 86 -5.10 -6.35 -13.15
N GLU B 87 -5.27 -6.87 -11.95
CA GLU B 87 -5.57 -8.29 -11.76
C GLU B 87 -7.02 -8.69 -12.05
N HIS B 88 -7.97 -7.90 -11.55
CA HIS B 88 -9.39 -8.21 -11.72
C HIS B 88 -9.92 -7.71 -13.03
N PHE B 89 -9.64 -6.45 -13.36
CA PHE B 89 -10.19 -5.84 -14.59
C PHE B 89 -9.32 -6.04 -15.84
N GLY B 90 -8.08 -6.47 -15.67
CA GLY B 90 -7.25 -6.83 -16.82
C GLY B 90 -6.71 -5.66 -17.62
N VAL B 91 -6.43 -4.50 -17.00
CA VAL B 91 -6.00 -3.35 -17.79
C VAL B 91 -4.59 -3.55 -18.35
N ASP B 92 -4.36 -2.93 -19.49
CA ASP B 92 -3.08 -3.03 -20.21
C ASP B 92 -2.15 -1.90 -19.83
N ALA B 93 -2.71 -0.82 -19.28
CA ALA B 93 -1.90 0.35 -18.91
C ALA B 93 -2.66 1.10 -17.88
N LEU B 94 -1.98 1.96 -17.13
CA LEU B 94 -2.65 2.71 -16.07
C LEU B 94 -2.19 4.16 -16.10
N LEU B 95 -3.18 5.07 -16.19
CA LEU B 95 -2.92 6.50 -16.20
C LEU B 95 -3.50 7.06 -14.89
N PHE B 96 -2.64 7.66 -14.07
CA PHE B 96 -3.05 8.28 -12.81
C PHE B 96 -3.21 9.76 -13.05
N THR B 97 -4.33 10.31 -12.56
CA THR B 97 -4.67 11.72 -12.73
C THR B 97 -5.01 12.32 -11.37
N GLY B 98 -4.31 13.40 -10.98
CA GLY B 98 -4.62 14.00 -9.70
C GLY B 98 -3.85 15.26 -9.39
N VAL B 99 -3.87 15.61 -8.10
CA VAL B 99 -3.30 16.87 -7.63
C VAL B 99 -2.14 16.60 -6.69
N ALA B 100 -1.27 17.59 -6.59
CA ALA B 100 -0.05 17.44 -5.78
C ALA B 100 0.44 18.81 -5.27
N GLY B 101 1.32 18.74 -4.29
CA GLY B 101 2.07 19.91 -3.87
C GLY B 101 3.31 20.09 -4.72
N GLY B 102 3.60 21.33 -5.11
CA GLY B 102 4.77 21.63 -5.91
C GLY B 102 6.00 21.92 -5.11
N LEU B 103 7.12 21.38 -5.56
CA LEU B 103 8.41 21.61 -4.96
C LEU B 103 9.31 22.31 -5.96
N GLN B 104 10.39 22.89 -5.44
CA GLN B 104 11.37 23.57 -6.28
C GLN B 104 10.71 24.68 -7.13
N ASP B 105 10.79 24.54 -8.44
CA ASP B 105 10.27 25.58 -9.35
C ASP B 105 8.77 25.44 -9.68
N LEU B 106 8.13 24.36 -9.23
CA LEU B 106 6.74 24.12 -9.61
C LEU B 106 5.81 25.02 -8.86
N GLN B 107 4.80 25.56 -9.56
CA GLN B 107 3.84 26.49 -9.05
C GLN B 107 2.42 25.98 -9.19
N VAL B 108 1.54 26.56 -8.38
CA VAL B 108 0.11 26.31 -8.48
C VAL B 108 -0.38 26.49 -9.91
N GLY B 109 -1.06 25.45 -10.42
CA GLY B 109 -1.53 25.46 -11.78
C GLY B 109 -0.66 24.72 -12.77
N ASP B 110 0.60 24.48 -12.42
CA ASP B 110 1.51 23.71 -13.29
C ASP B 110 1.06 22.25 -13.36
N MSE B 111 1.45 21.60 -14.44
CA MSE B 111 1.27 20.16 -14.61
CA MSE B 111 1.25 20.16 -14.62
C MSE B 111 2.61 19.49 -14.70
O MSE B 111 3.55 20.00 -15.33
CB MSE B 111 0.57 19.87 -15.93
CB MSE B 111 0.44 19.89 -15.91
CG MSE B 111 -0.88 20.31 -15.93
CG MSE B 111 -0.89 20.69 -16.02
SE MSE B 111 -1.85 19.46 -17.42
SE MSE B 111 -2.14 20.00 -17.40
CE MSE B 111 -0.91 20.40 -18.87
CE MSE B 111 -1.12 18.33 -17.33
N ILE B 112 2.70 18.32 -14.08
CA ILE B 112 3.93 17.55 -14.06
C ILE B 112 3.61 16.07 -14.24
N ALA B 113 4.28 15.43 -15.20
CA ALA B 113 4.25 13.98 -15.33
C ALA B 113 5.53 13.41 -14.72
N ALA B 114 5.43 12.31 -13.98
CA ALA B 114 6.61 11.75 -13.34
C ALA B 114 7.51 10.99 -14.30
N THR B 115 8.80 11.24 -14.18
CA THR B 115 9.80 10.37 -14.77
C THR B 115 10.04 9.13 -13.92
N ALA B 116 9.88 9.27 -12.61
CA ALA B 116 10.08 8.22 -11.66
C ALA B 116 9.41 8.67 -10.37
N THR B 117 9.21 7.72 -9.47
CA THR B 117 8.62 8.00 -8.19
C THR B 117 9.47 7.49 -7.05
N VAL B 118 9.31 8.11 -5.88
CA VAL B 118 9.94 7.70 -4.64
C VAL B 118 8.91 7.75 -3.50
N GLN B 119 9.11 6.90 -2.50
CA GLN B 119 8.37 6.97 -1.25
C GLN B 119 9.20 7.73 -0.23
N HIS B 120 8.85 9.00 -0.05
CA HIS B 120 9.67 9.86 0.81
C HIS B 120 9.58 9.57 2.29
N ASP B 121 8.56 8.81 2.72
CA ASP B 121 8.37 8.49 4.12
C ASP B 121 8.90 7.13 4.54
N VAL B 122 9.50 6.39 3.61
CA VAL B 122 10.13 5.08 3.93
C VAL B 122 11.45 5.33 4.64
N ASP B 123 11.62 4.74 5.82
CA ASP B 123 12.82 4.96 6.63
C ASP B 123 13.25 3.69 7.33
N ILE B 124 14.21 3.02 6.71
CA ILE B 124 14.90 1.90 7.35
C ILE B 124 16.38 2.26 7.50
N THR B 125 16.61 3.54 7.78
CA THR B 125 17.98 4.02 7.93
C THR B 125 18.64 3.41 9.16
N ALA B 126 17.85 2.89 10.11
CA ALA B 126 18.40 2.18 11.28
C ALA B 126 19.34 1.04 10.89
N PHE B 127 19.17 0.45 9.71
CA PHE B 127 19.99 -0.65 9.22
C PHE B 127 20.88 -0.25 8.04
N GLY B 128 21.05 1.06 7.84
CA GLY B 128 22.02 1.58 6.89
C GLY B 128 21.50 1.84 5.49
N TYR B 129 20.21 1.57 5.26
CA TYR B 129 19.59 1.81 3.96
C TYR B 129 19.36 3.30 3.78
N PRO B 130 19.48 3.79 2.53
CA PRO B 130 19.08 5.19 2.30
C PRO B 130 17.59 5.44 2.60
N TYR B 131 17.26 6.67 2.95
CA TYR B 131 15.86 7.09 2.97
C TYR B 131 15.22 6.71 1.64
N GLY B 132 13.98 6.20 1.72
CA GLY B 132 13.23 5.78 0.55
C GLY B 132 13.43 4.36 0.09
N LYS B 133 14.45 3.69 0.64
CA LYS B 133 14.83 2.35 0.17
C LYS B 133 14.14 1.24 0.97
N ILE B 134 13.47 0.36 0.23
CA ILE B 134 13.01 -0.92 0.74
C ILE B 134 13.99 -1.98 0.19
N PRO B 135 14.48 -2.88 1.05
CA PRO B 135 15.41 -3.88 0.54
C PRO B 135 14.79 -4.74 -0.55
N ILE B 136 15.56 -5.09 -1.56
CA ILE B 136 15.11 -5.90 -2.69
C ILE B 136 14.39 -5.03 -3.74
N SER B 137 14.22 -3.74 -3.46
CA SER B 137 13.64 -2.82 -4.44
C SER B 137 14.62 -1.69 -4.68
N GLU B 138 14.17 -0.64 -5.34
CA GLU B 138 15.01 0.51 -5.66
CA GLU B 138 14.97 0.53 -5.72
C GLU B 138 14.33 1.79 -5.14
N VAL B 139 15.13 2.78 -4.80
CA VAL B 139 14.61 4.04 -4.27
C VAL B 139 13.69 4.70 -5.31
N GLU B 140 14.19 4.82 -6.54
CA GLU B 140 13.43 5.44 -7.62
C GLU B 140 12.93 4.38 -8.56
N ILE B 141 11.62 4.41 -8.79
CA ILE B 141 10.96 3.49 -9.72
C ILE B 141 10.49 4.27 -10.94
N ALA B 142 10.92 3.86 -12.13
CA ALA B 142 10.59 4.56 -13.34
C ALA B 142 9.14 4.41 -13.73
N THR B 143 8.60 5.43 -14.38
CA THR B 143 7.34 5.28 -15.06
C THR B 143 7.58 4.81 -16.52
N SER B 144 6.52 4.61 -17.31
CA SER B 144 6.69 4.18 -18.72
C SER B 144 7.36 5.27 -19.54
N ALA B 145 8.54 4.99 -20.10
CA ALA B 145 9.20 5.98 -20.93
C ALA B 145 8.40 6.27 -22.21
N ARG B 146 7.76 5.23 -22.72
CA ARG B 146 7.00 5.33 -23.97
CA ARG B 146 7.05 5.33 -23.95
C ARG B 146 5.78 6.22 -23.78
N ILE B 147 5.04 6.04 -22.70
CA ILE B 147 3.86 6.88 -22.50
C ILE B 147 4.30 8.30 -22.18
N LEU B 148 5.37 8.46 -21.40
CA LEU B 148 5.83 9.80 -21.04
C LEU B 148 6.24 10.58 -22.29
N GLU B 149 6.96 9.92 -23.20
CA GLU B 149 7.37 10.58 -24.45
C GLU B 149 6.15 10.97 -25.26
N GLN B 150 5.13 10.12 -25.34
CA GLN B 150 3.90 10.46 -26.05
CA GLN B 150 3.93 10.49 -26.09
C GLN B 150 3.25 11.69 -25.44
N ALA B 151 3.19 11.73 -24.12
CA ALA B 151 2.61 12.89 -23.42
C ALA B 151 3.35 14.18 -23.71
N LYS B 152 4.69 14.12 -23.75
CA LYS B 152 5.47 15.30 -24.06
C LYS B 152 5.20 15.77 -25.50
N VAL B 153 5.03 14.83 -26.42
CA VAL B 153 4.74 15.18 -27.80
C VAL B 153 3.37 15.85 -27.94
N ILE B 154 2.36 15.30 -27.25
CA ILE B 154 1.05 15.85 -27.22
C ILE B 154 1.04 17.24 -26.59
N ALA B 155 1.72 17.41 -25.47
CA ALA B 155 1.78 18.73 -24.84
C ALA B 155 2.37 19.74 -25.83
N LYS B 156 3.42 19.36 -26.54
CA LYS B 156 4.02 20.27 -27.54
C LYS B 156 3.05 20.60 -28.66
N GLU B 157 2.33 19.60 -29.16
CA GLU B 157 1.34 19.81 -30.22
CA GLU B 157 1.31 19.79 -30.21
C GLU B 157 0.28 20.82 -29.78
N LEU B 158 -0.13 20.71 -28.51
CA LEU B 158 -1.19 21.54 -27.95
C LEU B 158 -0.70 22.86 -27.35
N ASN B 159 0.60 23.14 -27.46
CA ASN B 159 1.20 24.35 -26.89
C ASN B 159 0.98 24.48 -25.39
N LEU B 160 0.99 23.35 -24.69
CA LEU B 160 0.83 23.29 -23.25
C LEU B 160 2.17 23.09 -22.61
N ASN B 161 2.36 23.70 -21.45
CA ASN B 161 3.55 23.49 -20.66
C ASN B 161 3.33 22.29 -19.74
N LEU B 162 4.11 21.24 -20.00
CA LEU B 162 4.11 20.01 -19.19
C LEU B 162 5.50 19.86 -18.61
N HIS B 163 5.62 19.95 -17.29
CA HIS B 163 6.86 19.63 -16.60
C HIS B 163 7.01 18.11 -16.45
N THR B 164 8.25 17.67 -16.27
CA THR B 164 8.54 16.29 -15.91
C THR B 164 9.56 16.25 -14.82
N GLY B 165 9.49 15.23 -13.99
CA GLY B 165 10.47 15.06 -12.96
C GLY B 165 10.07 14.02 -11.95
N VAL B 166 10.85 13.89 -10.89
CA VAL B 166 10.58 12.88 -9.87
C VAL B 166 9.45 13.37 -8.97
N ILE B 167 8.47 12.49 -8.72
CA ILE B 167 7.40 12.76 -7.78
C ILE B 167 7.56 11.90 -6.55
N ALA B 168 7.46 12.56 -5.39
CA ALA B 168 7.60 11.92 -4.10
C ALA B 168 6.25 11.68 -3.46
N THR B 169 6.12 10.52 -2.80
CA THR B 169 4.86 10.11 -2.20
C THR B 169 5.06 9.69 -0.75
N GLY B 170 4.08 10.01 0.10
CA GLY B 170 4.06 9.57 1.47
C GLY B 170 2.64 9.67 2.00
N ASP B 171 2.39 9.02 3.11
CA ASP B 171 1.06 9.00 3.73
C ASP B 171 0.79 10.20 4.65
N GLN B 172 1.34 11.35 4.28
CA GLN B 172 1.13 12.61 5.01
C GLN B 172 0.83 13.70 4.01
N PHE B 173 -0.08 14.58 4.40
CA PHE B 173 -0.31 15.81 3.68
C PHE B 173 0.72 16.81 4.18
N VAL B 174 1.67 17.20 3.32
CA VAL B 174 2.84 17.97 3.73
C VAL B 174 2.54 19.46 3.70
N HIS B 175 2.82 20.13 4.81
CA HIS B 175 2.50 21.56 4.95
C HIS B 175 3.53 22.23 5.87
N SER B 176 4.78 22.01 5.55
CA SER B 176 5.88 22.65 6.29
C SER B 176 7.13 22.77 5.46
N ALA B 177 7.82 23.89 5.61
CA ALA B 177 9.05 24.12 4.89
C ALA B 177 10.12 23.09 5.26
N GLU B 178 10.16 22.68 6.52
CA GLU B 178 11.16 21.71 6.99
C GLU B 178 11.00 20.39 6.24
N ARG B 179 9.76 19.92 6.14
CA ARG B 179 9.57 18.64 5.45
C ARG B 179 9.84 18.76 3.94
N LYS B 180 9.39 19.85 3.32
CA LYS B 180 9.70 20.10 1.93
C LYS B 180 11.18 20.05 1.68
N ASP B 181 11.94 20.74 2.54
CA ASP B 181 13.38 20.88 2.35
CA ASP B 181 13.37 20.88 2.31
C ASP B 181 14.04 19.51 2.39
N PHE B 182 13.57 18.67 3.31
CA PHE B 182 14.10 17.31 3.41
C PHE B 182 13.85 16.53 2.12
N VAL B 183 12.62 16.60 1.62
CA VAL B 183 12.27 15.84 0.42
C VAL B 183 13.04 16.29 -0.81
N VAL B 184 13.16 17.61 -0.98
CA VAL B 184 13.97 18.16 -2.06
C VAL B 184 15.45 17.76 -1.97
N LYS B 185 16.03 17.90 -0.78
CA LYS B 185 17.46 17.62 -0.60
CA LYS B 185 17.46 17.63 -0.63
C LYS B 185 17.74 16.13 -0.80
N GLU B 186 16.86 15.30 -0.25
CA GLU B 186 17.12 13.86 -0.28
C GLU B 186 16.82 13.21 -1.63
N PHE B 187 15.76 13.67 -2.30
CA PHE B 187 15.26 12.99 -3.47
C PHE B 187 15.22 13.82 -4.75
N ASP B 188 15.49 15.13 -4.66
CA ASP B 188 15.40 16.03 -5.82
C ASP B 188 14.03 15.96 -6.47
N ALA B 189 12.98 15.79 -5.65
CA ALA B 189 11.63 15.69 -6.17
C ALA B 189 11.08 17.04 -6.57
N LYS B 190 10.15 17.04 -7.52
CA LYS B 190 9.51 18.25 -8.02
C LYS B 190 8.05 18.38 -7.58
N ALA B 191 7.51 17.32 -7.01
CA ALA B 191 6.13 17.37 -6.51
C ALA B 191 5.99 16.34 -5.41
N ILE B 192 4.98 16.51 -4.56
CA ILE B 192 4.77 15.66 -3.37
C ILE B 192 3.28 15.37 -3.25
N GLU B 193 2.98 14.11 -2.97
CA GLU B 193 1.62 13.62 -3.00
C GLU B 193 1.52 12.30 -2.25
N MSE B 194 0.33 11.67 -2.30
CA MSE B 194 0.02 10.55 -1.41
C MSE B 194 -0.28 9.24 -2.09
O MSE B 194 -0.61 8.28 -1.40
CB MSE B 194 -1.12 10.93 -0.44
CG MSE B 194 -0.71 12.18 0.35
SE MSE B 194 -2.11 12.77 1.59
CE MSE B 194 -2.01 11.22 2.77
N GLU B 195 -0.10 9.13 -3.42
CA GLU B 195 -0.42 7.88 -4.12
C GLU B 195 0.46 7.52 -5.29
N GLY B 196 1.22 8.45 -5.84
CA GLY B 196 1.90 8.16 -7.11
C GLY B 196 2.90 7.02 -7.05
N ALA B 197 3.71 7.00 -6.00
CA ALA B 197 4.77 6.00 -5.90
C ALA B 197 4.23 4.62 -5.60
N SER B 198 3.13 4.54 -4.86
CA SER B 198 2.51 3.27 -4.59
C SER B 198 1.86 2.70 -5.85
N VAL B 199 1.09 3.54 -6.56
CA VAL B 199 0.50 3.12 -7.82
C VAL B 199 1.60 2.70 -8.83
N ASN B 200 2.65 3.51 -8.94
CA ASN B 200 3.70 3.25 -9.91
C ASN B 200 4.43 1.96 -9.55
N LEU B 201 4.67 1.72 -8.26
CA LEU B 201 5.35 0.47 -7.87
C LEU B 201 4.48 -0.75 -8.19
N ILE B 202 3.17 -0.68 -7.94
CA ILE B 202 2.32 -1.81 -8.31
C ILE B 202 2.45 -2.10 -9.80
N CYS B 203 2.37 -1.05 -10.60
CA CYS B 203 2.49 -1.22 -12.05
C CYS B 203 3.84 -1.87 -12.40
N ASN B 204 4.91 -1.43 -11.75
CA ASN B 204 6.23 -1.99 -12.01
C ASN B 204 6.29 -3.47 -11.69
N GLU B 205 5.74 -3.85 -10.55
CA GLU B 205 5.75 -5.25 -10.13
C GLU B 205 4.93 -6.16 -11.04
N MSE B 206 3.90 -5.60 -11.69
CA MSE B 206 3.02 -6.40 -12.53
CA MSE B 206 3.00 -6.37 -12.54
C MSE B 206 3.30 -6.18 -14.01
O MSE B 206 2.54 -6.67 -14.87
CB MSE B 206 1.59 -6.07 -12.11
CB MSE B 206 1.56 -5.90 -12.33
CG MSE B 206 1.36 -6.46 -10.65
CG MSE B 206 1.09 -5.96 -10.89
SE MSE B 206 -0.54 -6.62 -10.17
SE MSE B 206 1.01 -7.81 -10.28
CE MSE B 206 -0.97 -8.31 -11.04
CE MSE B 206 -0.40 -8.47 -11.48
N ASN B 207 4.38 -5.46 -14.31
CA ASN B 207 4.80 -5.24 -15.70
CA ASN B 207 4.83 -5.18 -15.66
C ASN B 207 3.75 -4.49 -16.52
N ILE B 208 3.14 -3.47 -15.94
CA ILE B 208 2.10 -2.68 -16.61
C ILE B 208 2.58 -1.26 -16.81
N PRO B 209 2.53 -0.74 -18.04
CA PRO B 209 2.93 0.62 -18.31
C PRO B 209 2.14 1.63 -17.48
N SER B 210 2.86 2.55 -16.85
CA SER B 210 2.25 3.57 -16.00
CA SER B 210 2.26 3.57 -15.97
C SER B 210 2.54 4.98 -16.47
N PHE B 211 1.63 5.89 -16.14
CA PHE B 211 1.78 7.31 -16.39
C PHE B 211 1.19 7.98 -15.17
N ILE B 212 1.98 8.83 -14.54
CA ILE B 212 1.58 9.50 -13.29
C ILE B 212 1.55 11.00 -13.55
N LEU B 213 0.35 11.57 -13.65
CA LEU B 213 0.15 12.99 -13.89
C LEU B 213 -0.41 13.72 -12.67
N ARG B 214 0.25 14.81 -12.30
CA ARG B 214 -0.23 15.65 -11.23
C ARG B 214 -0.30 17.09 -11.70
N SER B 215 -1.32 17.81 -11.23
CA SER B 215 -1.35 19.27 -11.35
C SER B 215 -1.27 19.85 -9.94
N ILE B 216 -0.66 21.03 -9.85
CA ILE B 216 -0.22 21.61 -8.58
C ILE B 216 -1.30 22.43 -7.92
N SER B 217 -1.65 22.05 -6.69
CA SER B 217 -2.70 22.72 -5.94
C SER B 217 -2.18 23.61 -4.82
N ASP B 218 -0.90 23.48 -4.51
CA ASP B 218 -0.28 24.19 -3.37
C ASP B 218 1.21 23.96 -3.45
N THR B 219 2.00 24.57 -2.56
CA THR B 219 3.44 24.37 -2.55
C THR B 219 3.91 23.75 -1.24
N ALA B 220 3.05 22.96 -0.61
CA ALA B 220 3.44 22.04 0.47
C ALA B 220 4.11 22.70 1.69
N ASP B 221 3.77 23.96 1.90
CA ASP B 221 4.29 24.75 3.03
C ASP B 221 3.14 25.08 3.97
N GLY B 222 3.34 26.07 4.84
CA GLY B 222 2.32 26.35 5.86
C GLY B 222 1.00 26.82 5.29
N ASP B 223 1.04 27.39 4.07
CA ASP B 223 -0.17 27.78 3.34
C ASP B 223 -0.87 26.66 2.55
N ALA B 224 -0.32 25.45 2.60
CA ALA B 224 -0.81 24.39 1.72
C ALA B 224 -2.25 24.01 1.97
N PRO B 225 -2.70 23.95 3.23
CA PRO B 225 -4.10 23.58 3.41
C PRO B 225 -5.07 24.59 2.75
N ASP B 226 -4.80 25.87 2.93
CA ASP B 226 -5.67 26.91 2.34
C ASP B 226 -5.57 26.88 0.81
N ASN B 227 -4.36 26.76 0.30
CA ASN B 227 -4.16 26.75 -1.13
C ASN B 227 -4.85 25.52 -1.74
N PHE B 228 -4.70 24.35 -1.11
CA PHE B 228 -5.38 23.16 -1.59
C PHE B 228 -6.86 23.38 -1.65
N ASP B 229 -7.41 23.99 -0.60
CA ASP B 229 -8.83 24.21 -0.57
C ASP B 229 -9.28 25.10 -1.75
N GLU B 230 -8.48 26.09 -2.10
CA GLU B 230 -8.79 27.01 -3.20
CA GLU B 230 -8.89 26.96 -3.20
C GLU B 230 -8.57 26.40 -4.59
N PHE B 231 -7.56 25.55 -4.72
CA PHE B 231 -7.02 25.14 -6.04
C PHE B 231 -7.12 23.67 -6.39
N ALA B 232 -7.53 22.82 -5.46
CA ALA B 232 -7.57 21.38 -5.76
C ALA B 232 -8.48 21.04 -6.90
N LYS B 233 -9.66 21.64 -6.98
CA LYS B 233 -10.58 21.30 -8.08
CA LYS B 233 -10.61 21.34 -8.08
C LYS B 233 -10.03 21.77 -9.43
N MSE B 234 -9.45 22.97 -9.47
CA MSE B 234 -8.78 23.52 -10.64
C MSE B 234 -7.73 22.53 -11.10
O MSE B 234 -7.64 22.20 -12.28
CB MSE B 234 -8.20 24.92 -10.26
CG MSE B 234 -7.35 25.67 -11.27
SE MSE B 234 -5.57 25.02 -11.57
CE MSE B 234 -4.82 25.26 -9.78
N ALA B 235 -6.89 22.08 -10.17
CA ALA B 235 -5.77 21.20 -10.52
C ALA B 235 -6.30 19.84 -11.00
N ALA B 236 -7.32 19.32 -10.35
CA ALA B 236 -7.91 18.07 -10.76
C ALA B 236 -8.43 18.15 -12.19
N ASN B 237 -9.04 19.29 -12.52
CA ASN B 237 -9.60 19.47 -13.84
C ASN B 237 -8.48 19.55 -14.88
N ARG B 238 -7.36 20.19 -14.60
CA ARG B 238 -6.27 20.22 -15.54
C ARG B 238 -5.76 18.82 -15.83
N SER B 239 -5.53 18.03 -14.78
CA SER B 239 -4.96 16.71 -14.98
C SER B 239 -5.93 15.84 -15.77
N ALA B 240 -7.20 15.86 -15.41
CA ALA B 240 -8.21 15.03 -16.10
C ALA B 240 -8.34 15.44 -17.57
N ASP B 241 -8.30 16.73 -17.84
CA ASP B 241 -8.38 17.21 -19.22
C ASP B 241 -7.20 16.65 -19.99
N PHE B 242 -5.99 16.76 -19.47
CA PHE B 242 -4.81 16.31 -20.20
C PHE B 242 -4.80 14.78 -20.37
N VAL B 243 -5.17 14.02 -19.33
CA VAL B 243 -5.20 12.56 -19.46
CA VAL B 243 -5.15 12.58 -19.48
C VAL B 243 -6.13 12.13 -20.58
N MSE B 244 -7.26 12.80 -20.73
CA MSE B 244 -8.22 12.43 -21.80
C MSE B 244 -7.68 12.87 -23.14
O MSE B 244 -7.96 12.18 -24.11
CB MSE B 244 -9.62 12.93 -21.49
CG MSE B 244 -10.22 12.23 -20.27
SE MSE B 244 -10.44 10.29 -20.45
CE MSE B 244 -12.20 10.37 -21.30
N LYS B 245 -6.96 13.99 -23.24
CA LYS B 245 -6.27 14.36 -24.50
CA LYS B 245 -6.27 14.36 -24.49
C LYS B 245 -5.27 13.28 -24.89
N LEU B 246 -4.59 12.69 -23.90
CA LEU B 246 -3.68 11.57 -24.12
C LEU B 246 -4.44 10.35 -24.62
N VAL B 247 -5.54 10.01 -23.97
CA VAL B 247 -6.37 8.89 -24.40
C VAL B 247 -6.90 9.09 -25.85
N ASP B 248 -7.29 10.32 -26.18
CA ASP B 248 -7.79 10.68 -27.52
C ASP B 248 -6.78 10.34 -28.62
N ARG B 249 -5.50 10.32 -28.28
CA ARG B 249 -4.40 10.21 -29.25
C ARG B 249 -3.69 8.88 -29.08
N ILE B 250 -4.38 7.89 -28.49
CA ILE B 250 -3.93 6.50 -28.53
C ILE B 250 -4.52 5.83 -29.77
N9 ADE C . 9.71 -5.01 13.25
C8 ADE C . 10.39 -5.45 14.35
N7 ADE C . 10.74 -4.41 15.14
C5 ADE C . 10.31 -3.29 14.55
C6 ADE C . 10.42 -1.89 14.85
N6 ADE C . 11.03 -1.45 15.96
N1 ADE C . 9.87 -1.02 13.96
C2 ADE C . 9.23 -1.47 12.85
N3 ADE C . 9.09 -2.77 12.49
C4 ADE C . 9.62 -3.68 13.33
C1 EDO D . 15.22 5.43 23.36
O1 EDO D . 16.06 4.43 23.94
C2 EDO D . 15.95 6.08 22.19
O2 EDO D . 15.45 7.39 21.93
NA NA E . 5.20 -8.65 28.53
NA NA F . 3.21 -31.47 4.45
N9 ADE G . -1.76 16.75 -2.65
C8 ADE G . -1.85 18.07 -2.92
N7 ADE G . -1.05 18.78 -2.13
C5 ADE G . -0.40 17.92 -1.30
C6 ADE G . 0.54 18.07 -0.22
N6 ADE G . 1.02 19.29 0.11
N1 ADE G . 0.94 16.94 0.41
C2 ADE G . 0.44 15.75 0.02
N3 ADE G . -0.43 15.53 -0.97
C4 ADE G . -0.89 16.59 -1.65
C1 EDO H . 5.76 26.31 7.02
O1 EDO H . 6.75 25.64 7.80
C2 EDO H . 6.44 27.02 5.86
O2 EDO H . 5.54 27.94 5.27
C1 EDO I . 5.72 21.17 -22.75
O1 EDO I . 5.44 21.53 -24.13
C2 EDO I . 6.46 22.25 -21.96
O2 EDO I . 7.82 22.37 -22.34
C1 EDO J . 17.60 9.27 -3.26
O1 EDO J . 18.24 10.12 -2.31
C2 EDO J . 17.73 9.83 -4.66
O2 EDO J . 16.96 9.01 -5.54
C1 EDO K . -15.78 4.80 -3.01
O1 EDO K . -16.09 5.39 -1.72
C2 EDO K . -17.05 4.63 -3.85
O2 EDO K . -17.92 3.65 -3.27
#